data_8EI2
#
_entry.id   8EI2
#
_cell.length_a   173.030
_cell.length_b   173.030
_cell.length_c   57.480
_cell.angle_alpha   90.000
_cell.angle_beta   90.000
_cell.angle_gamma   120.000
#
_symmetry.space_group_name_H-M   'P 6'
#
loop_
_entity.id
_entity.type
_entity.pdbx_description
1 polymer Cullin-5
2 polymer H314
3 non-polymer "N,N'-(1,4-phenylene)diacetamide"
#
loop_
_entity_poly.entity_id
_entity_poly.type
_entity_poly.pdbx_seq_one_letter_code
_entity_poly.pdbx_strand_id
1 'polypeptide(L)'
;SMATSNLLKNKGSLQFEDKWDFMRPIVLKLLRQESVTKQQWFDLFSDVHAVCLWDDKGPAKIHQALKEDILEFIKQAQAR
VLSHQDDTALLKAYIVEWRKFFTQCDILPKPFCQLEITLMGKQGSNKKSNVEDSIVRKLMLDTWNESIFSNIKNRLQDSA
MKLVHAERLGEAFDSQLVIGVRESYVNLCSNPEDKLQIYRDNFEKAYLDSTERFYRTQAPSYLQQNGVQNYMKYADAKLK
EEEKRALRYLETRRECNSVEALMECCVNALVTSFKETILAECQGMIKRNETEKLHLMFSLMDKVPNGIEPMLKDLEEHII
SAGLADMVAAAETITTDSEKYREQLDTLFNRFSKLVKEAFQDDPRFLTARDKAYKAVVNDATIFKLE
;
A
2 'polypeptide(L)' (ACE)DPAWYDCADAAWICTF(NH2) C
#
loop_
_chem_comp.id
_chem_comp.type
_chem_comp.name
_chem_comp.formula
ACE non-polymer 'ACETYL GROUP' 'C2 H4 O'
NH2 non-polymer 'AMINO GROUP' 'H2 N'
WHL non-polymer N,N'-(1,4-phenylene)diacetamide 'C10 H12 N2 O2'
#
# COMPACT_ATOMS: atom_id res chain seq x y z
N GLY A 12 44.79 -33.16 24.95
CA GLY A 12 44.40 -31.93 24.30
C GLY A 12 42.94 -31.92 23.91
N SER A 13 42.10 -31.41 24.80
CA SER A 13 40.67 -31.37 24.58
C SER A 13 40.13 -29.95 24.75
N LEU A 14 38.81 -29.79 24.66
CA LEU A 14 38.19 -28.49 24.47
C LEU A 14 36.69 -28.59 24.66
N GLN A 15 36.09 -27.56 25.23
CA GLN A 15 34.65 -27.51 25.39
C GLN A 15 34.14 -26.17 24.87
N PHE A 16 32.81 -26.04 24.82
CA PHE A 16 32.21 -24.79 24.41
C PHE A 16 32.68 -23.63 25.28
N GLU A 17 32.94 -23.91 26.56
CA GLU A 17 33.42 -22.84 27.43
C GLU A 17 34.82 -22.40 27.04
N ASP A 18 35.65 -23.35 26.61
CA ASP A 18 36.99 -22.99 26.18
C ASP A 18 37.01 -22.37 24.80
N LYS A 19 36.06 -22.71 23.95
CA LYS A 19 36.12 -22.30 22.56
C LYS A 19 35.20 -21.13 22.23
N TRP A 20 34.17 -20.87 23.03
CA TRP A 20 33.23 -19.80 22.67
C TRP A 20 33.94 -18.47 22.55
N ASP A 21 34.82 -18.18 23.49
CA ASP A 21 35.51 -16.90 23.51
C ASP A 21 36.39 -16.68 22.29
N PHE A 22 36.60 -17.70 21.48
CA PHE A 22 37.28 -17.56 20.21
C PHE A 22 36.33 -17.51 19.04
N MET A 23 35.10 -17.97 19.23
CA MET A 23 34.07 -17.93 18.21
C MET A 23 33.32 -16.61 18.23
N ARG A 24 32.81 -16.23 19.41
CA ARG A 24 31.93 -15.07 19.62
C ARG A 24 32.43 -13.81 18.93
N PRO A 25 33.74 -13.55 18.82
CA PRO A 25 34.16 -12.46 17.95
C PRO A 25 33.67 -12.62 16.52
N ILE A 26 33.75 -13.84 15.97
CA ILE A 26 33.47 -14.02 14.55
C ILE A 26 31.99 -13.91 14.28
N VAL A 27 31.16 -14.31 15.23
CA VAL A 27 29.74 -14.07 15.12
C VAL A 27 29.45 -12.59 14.92
N LEU A 28 30.00 -11.75 15.80
CA LEU A 28 29.66 -10.34 15.77
C LEU A 28 30.19 -9.68 14.51
N LYS A 29 31.41 -10.04 14.11
CA LYS A 29 31.97 -9.54 12.86
C LYS A 29 31.07 -9.83 11.68
N LEU A 30 30.38 -10.95 11.71
CA LEU A 30 29.39 -11.28 10.70
C LEU A 30 28.05 -10.59 10.95
N LEU A 31 27.65 -10.44 12.21
CA LEU A 31 26.40 -9.73 12.47
C LEU A 31 26.54 -8.25 12.13
N ARG A 32 27.69 -7.66 12.45
CA ARG A 32 27.93 -6.26 12.15
C ARG A 32 28.37 -6.01 10.73
N GLN A 33 28.43 -7.06 9.91
CA GLN A 33 28.93 -6.96 8.55
C GLN A 33 30.33 -6.38 8.52
N GLU A 34 31.16 -6.81 9.45
CA GLU A 34 32.55 -6.40 9.45
C GLU A 34 33.36 -7.43 8.69
N SER A 35 34.43 -6.95 8.04
CA SER A 35 35.25 -7.82 7.20
C SER A 35 35.81 -8.98 8.03
N VAL A 36 35.91 -10.14 7.38
CA VAL A 36 36.34 -11.38 8.01
C VAL A 36 37.35 -12.07 7.10
N THR A 37 38.35 -12.71 7.72
CA THR A 37 39.44 -13.37 7.01
C THR A 37 39.07 -14.81 6.68
N LYS A 38 39.76 -15.36 5.69
CA LYS A 38 39.49 -16.74 5.29
C LYS A 38 39.75 -17.71 6.42
N GLN A 39 40.82 -17.49 7.19
CA GLN A 39 41.15 -18.41 8.27
C GLN A 39 40.10 -18.40 9.37
N GLN A 40 39.45 -17.25 9.57
CA GLN A 40 38.43 -17.14 10.59
C GLN A 40 37.15 -17.87 10.18
N TRP A 41 36.87 -17.94 8.87
CA TRP A 41 35.78 -18.78 8.39
C TRP A 41 36.03 -20.23 8.78
N PHE A 42 37.21 -20.76 8.45
CA PHE A 42 37.52 -22.15 8.70
C PHE A 42 37.69 -22.46 10.17
N ASP A 43 38.26 -21.53 10.94
CA ASP A 43 38.29 -21.71 12.38
C ASP A 43 36.88 -21.80 12.93
N LEU A 44 35.98 -20.94 12.41
CA LEU A 44 34.61 -20.95 12.91
C LEU A 44 33.86 -22.20 12.52
N PHE A 45 34.05 -22.75 11.30
CA PHE A 45 33.47 -24.08 11.12
C PHE A 45 34.15 -25.10 12.02
N SER A 46 35.45 -24.97 12.22
CA SER A 46 36.14 -26.06 12.87
C SER A 46 35.86 -26.06 14.35
N ASP A 47 35.57 -24.90 14.92
CA ASP A 47 35.13 -24.83 16.30
C ASP A 47 33.75 -25.44 16.50
N VAL A 48 32.83 -25.20 15.56
CA VAL A 48 31.49 -25.74 15.69
C VAL A 48 31.49 -27.25 15.49
N HIS A 49 32.32 -27.72 14.57
CA HIS A 49 32.47 -29.15 14.37
C HIS A 49 32.93 -29.82 15.67
N ALA A 50 33.66 -29.08 16.50
CA ALA A 50 34.25 -29.61 17.72
C ALA A 50 33.33 -29.51 18.90
N VAL A 51 32.55 -28.45 19.00
CA VAL A 51 31.65 -28.29 20.13
C VAL A 51 30.39 -29.09 19.94
N CYS A 52 29.86 -29.11 18.73
CA CYS A 52 28.67 -29.89 18.43
C CYS A 52 28.96 -31.35 18.30
N LEU A 53 29.90 -31.86 19.08
CA LEU A 53 30.25 -33.27 19.00
C LEU A 53 30.86 -33.69 20.32
N TRP A 54 32.10 -33.28 20.56
CA TRP A 54 32.77 -33.64 21.79
C TRP A 54 32.10 -33.05 23.01
N ASP A 55 31.27 -32.03 22.85
CA ASP A 55 30.59 -31.43 23.98
C ASP A 55 29.21 -32.04 24.11
N ASP A 56 28.87 -32.44 25.34
CA ASP A 56 27.58 -33.03 25.61
C ASP A 56 26.47 -32.03 25.31
N LYS A 57 26.31 -31.02 26.14
CA LYS A 57 25.28 -30.03 25.90
C LYS A 57 25.84 -28.89 25.06
N GLY A 58 26.84 -29.21 24.24
CA GLY A 58 27.48 -28.25 23.37
C GLY A 58 26.56 -27.62 22.36
N PRO A 59 25.88 -28.45 21.56
CA PRO A 59 24.86 -27.89 20.64
C PRO A 59 23.75 -27.15 21.36
N ALA A 60 23.37 -27.58 22.56
CA ALA A 60 22.37 -26.86 23.33
C ALA A 60 22.91 -25.59 23.96
N LYS A 61 24.18 -25.28 23.74
CA LYS A 61 24.79 -24.05 24.24
C LYS A 61 25.14 -23.07 23.14
N ILE A 62 25.53 -23.54 21.95
CA ILE A 62 25.66 -22.62 20.84
C ILE A 62 24.29 -22.12 20.42
N HIS A 63 23.25 -22.87 20.73
CA HIS A 63 21.89 -22.47 20.39
C HIS A 63 21.43 -21.27 21.22
N GLN A 64 21.64 -21.31 22.54
CA GLN A 64 21.21 -20.20 23.38
C GLN A 64 22.20 -19.05 23.37
N ALA A 65 23.50 -19.33 23.29
CA ALA A 65 24.48 -18.26 23.22
C ALA A 65 24.27 -17.43 21.98
N LEU A 66 23.73 -18.04 20.93
CA LEU A 66 23.59 -17.35 19.65
C LEU A 66 22.27 -16.61 19.57
N LYS A 67 21.24 -17.09 20.25
CA LYS A 67 20.06 -16.29 20.51
C LYS A 67 20.43 -15.01 21.24
N GLU A 68 21.20 -15.14 22.33
CA GLU A 68 21.51 -14.00 23.18
C GLU A 68 22.36 -12.96 22.46
N ASP A 69 23.30 -13.41 21.66
CA ASP A 69 24.21 -12.51 20.94
C ASP A 69 23.54 -11.84 19.76
N ILE A 70 22.72 -12.57 19.02
CA ILE A 70 21.89 -11.95 17.98
C ILE A 70 21.02 -10.86 18.59
N LEU A 71 20.31 -11.18 19.68
CA LEU A 71 19.42 -10.23 20.33
C LEU A 71 20.17 -8.99 20.81
N GLU A 72 21.40 -9.18 21.27
CA GLU A 72 22.19 -8.05 21.74
C GLU A 72 22.63 -7.14 20.60
N PHE A 73 22.85 -7.69 19.41
CA PHE A 73 23.15 -6.82 18.29
C PHE A 73 21.92 -6.05 17.86
N ILE A 74 20.78 -6.73 17.78
CA ILE A 74 19.58 -6.05 17.33
C ILE A 74 19.15 -4.98 18.32
N LYS A 75 19.50 -5.13 19.59
CA LYS A 75 19.29 -4.03 20.54
C LYS A 75 20.26 -2.89 20.26
N GLN A 76 21.46 -3.19 19.77
CA GLN A 76 22.39 -2.13 19.38
C GLN A 76 21.84 -1.37 18.19
N ALA A 77 21.36 -2.08 17.17
CA ALA A 77 20.85 -1.44 15.96
C ALA A 77 19.67 -0.53 16.27
N GLN A 78 18.80 -0.95 17.20
CA GLN A 78 17.66 -0.13 17.59
C GLN A 78 18.10 1.18 18.21
N ALA A 79 19.18 1.16 18.98
CA ALA A 79 19.63 2.38 19.61
C ALA A 79 20.28 3.31 18.60
N ARG A 80 20.95 2.74 17.60
CA ARG A 80 21.56 3.57 16.57
C ARG A 80 20.53 4.20 15.67
N VAL A 81 19.41 3.53 15.43
CA VAL A 81 18.36 4.11 14.63
C VAL A 81 17.63 5.18 15.43
N LEU A 82 17.23 4.86 16.67
CA LEU A 82 16.57 5.82 17.55
C LEU A 82 17.48 6.94 18.00
N SER A 83 18.69 7.02 17.46
CA SER A 83 19.63 8.07 17.83
C SER A 83 19.37 9.38 17.10
N HIS A 84 18.55 9.37 16.06
CA HIS A 84 18.26 10.57 15.30
C HIS A 84 16.90 11.09 15.71
N GLN A 85 16.77 12.41 15.73
CA GLN A 85 15.48 13.03 15.95
C GLN A 85 14.87 13.59 14.66
N ASP A 86 15.56 13.43 13.53
CA ASP A 86 15.08 13.91 12.23
C ASP A 86 14.31 12.78 11.55
N ASP A 87 12.99 12.89 11.53
CA ASP A 87 12.15 11.86 10.91
C ASP A 87 12.39 11.76 9.41
N THR A 88 13.57 11.29 9.02
CA THR A 88 14.03 11.21 7.64
C THR A 88 15.39 10.51 7.68
N ALA A 89 16.34 11.11 8.39
CA ALA A 89 17.58 10.42 8.69
C ALA A 89 17.35 9.22 9.61
N LEU A 90 16.20 9.15 10.26
CA LEU A 90 15.87 7.98 11.07
C LEU A 90 15.30 6.85 10.21
N LEU A 91 14.62 7.20 9.12
CA LEU A 91 14.18 6.20 8.14
C LEU A 91 15.36 5.62 7.40
N LYS A 92 16.32 6.47 7.04
CA LYS A 92 17.47 5.97 6.30
C LYS A 92 18.31 5.04 7.16
N ALA A 93 18.42 5.39 8.45
CA ALA A 93 19.19 4.59 9.39
C ALA A 93 18.54 3.24 9.62
N TYR A 94 17.22 3.16 9.61
CA TYR A 94 16.60 1.87 9.84
C TYR A 94 16.85 0.92 8.68
N ILE A 95 16.89 1.45 7.47
CA ILE A 95 16.98 0.62 6.27
C ILE A 95 18.43 0.20 6.04
N VAL A 96 19.38 1.07 6.38
CA VAL A 96 20.80 0.70 6.37
C VAL A 96 21.03 -0.53 7.23
N GLU A 97 20.58 -0.48 8.49
CA GLU A 97 20.82 -1.57 9.44
C GLU A 97 20.09 -2.84 9.04
N TRP A 98 18.91 -2.70 8.47
CA TRP A 98 18.16 -3.87 8.03
C TRP A 98 18.74 -4.48 6.77
N ARG A 99 19.00 -3.65 5.74
CA ARG A 99 19.58 -4.15 4.49
C ARG A 99 20.89 -4.86 4.73
N LYS A 100 21.73 -4.32 5.61
CA LYS A 100 22.88 -5.06 6.08
C LYS A 100 22.44 -6.34 6.77
N PHE A 101 21.47 -6.22 7.67
CA PHE A 101 21.00 -7.38 8.41
C PHE A 101 20.48 -8.46 7.47
N PHE A 102 19.44 -8.12 6.71
CA PHE A 102 18.86 -9.08 5.77
C PHE A 102 19.94 -9.75 4.93
N THR A 103 21.03 -9.05 4.67
CA THR A 103 22.09 -9.54 3.82
C THR A 103 23.06 -10.42 4.58
N GLN A 104 23.01 -10.35 5.92
CA GLN A 104 23.74 -11.23 6.82
C GLN A 104 22.97 -12.49 7.16
N CYS A 105 21.66 -12.49 6.92
CA CYS A 105 20.87 -13.69 7.15
C CYS A 105 21.21 -14.79 6.16
N ASP A 106 21.89 -14.44 5.06
CA ASP A 106 22.34 -15.39 4.06
C ASP A 106 23.77 -15.83 4.27
N ILE A 107 24.39 -15.41 5.36
CA ILE A 107 25.83 -15.57 5.52
C ILE A 107 26.13 -16.22 6.85
N LEU A 108 25.55 -15.66 7.91
CA LEU A 108 25.79 -16.14 9.27
C LEU A 108 25.33 -17.57 9.51
N PRO A 109 24.18 -18.03 8.99
CA PRO A 109 23.74 -19.41 9.22
C PRO A 109 24.58 -20.50 8.56
N LYS A 110 25.68 -20.16 7.95
CA LYS A 110 26.44 -21.17 7.24
C LYS A 110 27.46 -21.87 8.15
N PRO A 111 28.19 -21.16 8.99
CA PRO A 111 29.16 -21.83 9.88
C PRO A 111 28.58 -22.77 10.93
N PHE A 112 27.27 -22.81 10.95
CA PHE A 112 26.52 -23.61 11.91
C PHE A 112 25.74 -24.70 11.21
N CYS A 113 26.26 -25.18 10.09
CA CYS A 113 25.61 -26.24 9.33
C CYS A 113 25.43 -27.49 10.17
N GLN A 114 26.37 -27.73 11.07
CA GLN A 114 26.34 -28.89 11.95
C GLN A 114 25.47 -28.66 13.19
N LEU A 115 25.41 -27.43 13.67
CA LEU A 115 24.45 -27.11 14.72
C LEU A 115 23.05 -27.45 14.26
N GLU A 116 22.64 -26.93 13.11
CA GLU A 116 21.29 -27.12 12.60
C GLU A 116 20.97 -28.57 12.26
N ILE A 117 21.98 -29.42 12.19
CA ILE A 117 21.71 -30.85 12.02
C ILE A 117 21.66 -31.51 13.39
N THR A 118 22.57 -31.12 14.26
CA THR A 118 22.64 -31.70 15.59
C THR A 118 21.41 -31.33 16.41
N LEU A 119 20.76 -30.22 16.06
CA LEU A 119 19.51 -29.83 16.65
C LEU A 119 18.31 -30.46 15.97
N MET A 120 18.50 -31.08 14.81
CA MET A 120 17.39 -31.78 14.17
C MET A 120 17.46 -33.28 14.43
N ASN A 130 18.33 -26.88 4.02
CA ASN A 130 19.14 -25.87 3.33
C ASN A 130 18.30 -24.64 2.99
N VAL A 131 18.79 -23.88 2.01
CA VAL A 131 18.17 -22.66 1.47
C VAL A 131 17.61 -21.82 2.62
N GLU A 132 16.54 -21.07 2.38
CA GLU A 132 16.09 -20.08 3.35
C GLU A 132 15.73 -20.70 4.68
N ASP A 133 15.14 -21.91 4.67
CA ASP A 133 14.57 -22.50 5.88
C ASP A 133 15.66 -23.10 6.76
N SER A 134 16.34 -22.22 7.48
CA SER A 134 17.32 -22.64 8.47
C SER A 134 16.88 -22.15 9.83
N ILE A 135 17.43 -22.76 10.87
CA ILE A 135 17.03 -22.40 12.21
C ILE A 135 17.67 -21.08 12.62
N VAL A 136 18.93 -20.87 12.23
CA VAL A 136 19.62 -19.65 12.61
C VAL A 136 18.98 -18.46 11.93
N ARG A 137 18.85 -18.50 10.60
CA ARG A 137 18.24 -17.39 9.88
C ARG A 137 16.83 -17.14 10.39
N LYS A 138 16.08 -18.20 10.64
CA LYS A 138 14.77 -18.02 11.24
C LYS A 138 14.88 -17.40 12.61
N LEU A 139 15.95 -17.69 13.33
CA LEU A 139 16.21 -17.00 14.59
C LEU A 139 16.58 -15.54 14.38
N MET A 140 17.32 -15.23 13.30
CA MET A 140 17.70 -13.85 13.00
C MET A 140 16.52 -13.04 12.50
N LEU A 141 15.79 -13.56 11.52
CA LEU A 141 14.64 -12.83 11.02
C LEU A 141 13.56 -12.68 12.08
N ASP A 142 13.41 -13.65 12.99
CA ASP A 142 12.45 -13.50 14.07
C ASP A 142 12.89 -12.42 15.04
N THR A 143 14.08 -12.56 15.63
CA THR A 143 14.52 -11.64 16.66
C THR A 143 14.44 -10.19 16.21
N TRP A 144 14.65 -9.92 14.92
CA TRP A 144 14.45 -8.57 14.39
C TRP A 144 12.98 -8.19 14.43
N ASN A 145 12.09 -9.17 14.33
CA ASN A 145 10.67 -8.91 14.43
C ASN A 145 10.23 -8.84 15.88
N GLU A 146 10.81 -9.68 16.73
CA GLU A 146 10.43 -9.70 18.13
C GLU A 146 10.80 -8.38 18.80
N SER A 147 11.84 -7.71 18.29
CA SER A 147 12.53 -6.66 19.00
C SER A 147 12.42 -5.32 18.30
N ILE A 148 13.39 -5.04 17.44
CA ILE A 148 13.52 -3.74 16.80
C ILE A 148 12.31 -3.43 15.93
N PHE A 149 11.76 -4.42 15.24
CA PHE A 149 10.58 -4.11 14.45
C PHE A 149 9.41 -3.76 15.36
N SER A 150 9.02 -4.71 16.19
CA SER A 150 7.89 -4.55 17.11
C SER A 150 7.93 -3.30 17.98
N ASN A 151 9.13 -2.81 18.28
CA ASN A 151 9.24 -1.64 19.12
C ASN A 151 9.23 -0.35 18.31
N ILE A 152 9.83 -0.35 17.12
CA ILE A 152 9.88 0.87 16.31
C ILE A 152 8.76 0.92 15.27
N LYS A 153 8.02 -0.17 15.10
CA LYS A 153 7.00 -0.25 14.05
C LYS A 153 6.12 0.98 14.00
N ASN A 154 5.69 1.48 15.16
CA ASN A 154 4.75 2.60 15.17
C ASN A 154 5.43 3.91 14.88
N ARG A 155 6.68 4.05 15.28
CA ARG A 155 7.45 5.22 14.89
C ARG A 155 7.81 5.17 13.43
N LEU A 156 8.15 3.98 12.93
CA LEU A 156 8.53 3.85 11.53
C LEU A 156 7.45 4.40 10.61
N GLN A 157 6.20 4.27 11.01
CA GLN A 157 5.09 4.74 10.20
C GLN A 157 4.70 6.17 10.54
N ASP A 158 4.98 6.59 11.76
CA ASP A 158 4.59 7.95 12.13
C ASP A 158 5.56 8.92 11.69
N SER A 159 6.54 8.44 10.94
CA SER A 159 7.56 9.27 10.32
C SER A 159 7.51 9.22 8.82
N ALA A 160 7.38 8.03 8.26
CA ALA A 160 7.26 7.87 6.81
C ALA A 160 6.00 8.55 6.28
N MET A 161 4.94 8.56 7.08
CA MET A 161 3.70 9.20 6.61
C MET A 161 3.82 10.70 6.59
N LYS A 162 4.66 11.26 7.44
CA LYS A 162 4.85 12.69 7.45
C LYS A 162 5.57 13.15 6.20
N LEU A 163 6.38 12.27 5.62
CA LEU A 163 7.05 12.59 4.38
C LEU A 163 6.11 12.56 3.19
N VAL A 164 5.02 11.80 3.26
CA VAL A 164 4.02 11.88 2.21
C VAL A 164 2.99 12.96 2.51
N HIS A 165 2.58 13.06 3.77
CA HIS A 165 1.79 14.19 4.21
C HIS A 165 2.41 15.48 3.72
N ALA A 166 3.74 15.58 3.76
CA ALA A 166 4.47 16.73 3.23
C ALA A 166 4.54 16.71 1.71
N GLU A 167 4.66 15.54 1.10
CA GLU A 167 4.64 15.45 -0.35
C GLU A 167 3.35 15.99 -0.93
N ARG A 168 2.22 15.77 -0.26
CA ARG A 168 0.95 16.30 -0.73
C ARG A 168 0.86 17.81 -0.62
N LEU A 169 1.86 18.46 -0.04
CA LEU A 169 1.82 19.88 0.28
C LEU A 169 2.91 20.70 -0.38
N GLY A 170 3.90 20.08 -0.98
CA GLY A 170 4.91 20.82 -1.69
C GLY A 170 6.29 20.25 -1.46
N GLU A 171 6.54 19.79 -0.22
CA GLU A 171 7.85 19.34 0.20
C GLU A 171 8.32 18.14 -0.61
N ALA A 172 9.33 18.34 -1.44
CA ALA A 172 9.94 17.25 -2.18
C ALA A 172 10.91 16.51 -1.29
N PHE A 173 10.80 15.18 -1.25
CA PHE A 173 11.70 14.39 -0.42
C PHE A 173 12.26 13.21 -1.19
N ASP A 174 13.05 12.38 -0.52
CA ASP A 174 13.60 11.17 -1.11
C ASP A 174 12.52 10.10 -1.05
N SER A 175 11.82 9.90 -2.17
CA SER A 175 10.73 8.95 -2.19
C SER A 175 11.18 7.52 -1.97
N GLN A 176 12.48 7.25 -1.95
CA GLN A 176 12.97 5.91 -1.64
C GLN A 176 12.96 5.61 -0.15
N LEU A 177 12.73 6.61 0.69
CA LEU A 177 12.68 6.40 2.13
C LEU A 177 11.44 5.61 2.52
N VAL A 178 10.30 5.99 1.96
CA VAL A 178 9.06 5.27 2.21
C VAL A 178 8.96 4.00 1.38
N ILE A 179 9.60 3.96 0.21
CA ILE A 179 9.68 2.71 -0.54
C ILE A 179 10.56 1.71 0.18
N GLY A 180 11.76 2.13 0.59
CA GLY A 180 12.63 1.25 1.33
C GLY A 180 11.99 0.70 2.58
N VAL A 181 11.17 1.52 3.25
CA VAL A 181 10.43 1.03 4.41
C VAL A 181 9.36 0.05 3.98
N ARG A 182 8.74 0.28 2.82
CA ARG A 182 7.74 -0.66 2.33
C ARG A 182 8.37 -2.03 2.08
N GLU A 183 9.31 -2.10 1.13
CA GLU A 183 9.94 -3.38 0.80
C GLU A 183 10.71 -4.00 1.96
N SER A 184 10.78 -3.31 3.08
CA SER A 184 11.27 -3.90 4.31
C SER A 184 10.16 -4.53 5.14
N TYR A 185 8.91 -4.10 4.98
CA TYR A 185 7.80 -4.84 5.54
C TYR A 185 7.51 -6.10 4.75
N VAL A 186 7.97 -6.16 3.49
CA VAL A 186 7.70 -7.32 2.66
C VAL A 186 8.68 -8.44 2.97
N ASN A 187 9.93 -8.08 3.25
CA ASN A 187 10.99 -9.07 3.39
C ASN A 187 11.07 -9.68 4.78
N LEU A 188 10.52 -9.01 5.79
CA LEU A 188 10.60 -9.54 7.16
C LEU A 188 9.53 -10.58 7.45
N CYS A 189 8.40 -10.53 6.75
CA CYS A 189 7.40 -11.59 6.89
C CYS A 189 7.93 -12.90 6.37
N SER A 190 8.10 -13.86 7.25
CA SER A 190 8.56 -15.17 6.84
C SER A 190 7.42 -16.11 6.53
N ASN A 191 6.19 -15.67 6.69
CA ASN A 191 5.06 -16.56 6.46
C ASN A 191 5.06 -17.02 4.99
N PRO A 192 4.98 -18.32 4.75
CA PRO A 192 4.89 -18.78 3.36
C PRO A 192 3.46 -18.73 2.86
N GLU A 193 2.47 -18.69 3.78
CA GLU A 193 1.07 -18.74 3.38
C GLU A 193 0.54 -17.33 3.12
N ASP A 194 0.89 -16.39 4.00
CA ASP A 194 0.61 -14.97 3.79
C ASP A 194 1.94 -14.22 3.86
N LYS A 195 2.53 -13.95 2.70
CA LYS A 195 3.80 -13.24 2.65
C LYS A 195 3.66 -11.78 3.05
N LEU A 196 2.51 -11.15 2.83
CA LEU A 196 2.31 -9.75 3.18
C LEU A 196 1.51 -9.59 4.46
N GLN A 197 1.87 -10.35 5.49
CA GLN A 197 1.10 -10.40 6.71
C GLN A 197 1.48 -9.26 7.65
N ILE A 198 2.72 -8.77 7.59
CA ILE A 198 3.14 -7.63 8.39
C ILE A 198 3.23 -6.35 7.58
N TYR A 199 2.85 -6.41 6.30
CA TYR A 199 2.69 -5.24 5.45
C TYR A 199 1.23 -4.82 5.35
N ARG A 200 0.33 -5.80 5.29
CA ARG A 200 -1.10 -5.53 5.16
C ARG A 200 -1.75 -5.06 6.47
N ASP A 201 -1.06 -5.29 7.58
CA ASP A 201 -1.56 -4.89 8.88
C ASP A 201 -0.77 -3.77 9.53
N ASN A 202 0.23 -3.23 8.85
CA ASN A 202 1.05 -2.22 9.48
C ASN A 202 1.35 -1.09 8.51
N PHE A 203 2.07 -1.39 7.44
CA PHE A 203 2.34 -0.37 6.45
C PHE A 203 1.06 0.03 5.70
N GLU A 204 0.34 -0.96 5.18
CA GLU A 204 -0.86 -0.62 4.44
C GLU A 204 -1.90 0.05 5.34
N LYS A 205 -2.00 -0.38 6.60
CA LYS A 205 -3.03 0.15 7.49
C LYS A 205 -2.77 1.60 7.86
N ALA A 206 -1.52 1.98 8.11
CA ALA A 206 -1.21 3.38 8.37
C ALA A 206 -1.32 4.27 7.14
N TYR A 207 -1.04 3.73 5.95
CA TYR A 207 -1.13 4.57 4.75
C TYR A 207 -2.57 4.87 4.38
N LEU A 208 -3.51 4.04 4.85
CA LEU A 208 -4.93 4.27 4.63
C LEU A 208 -5.48 5.23 5.65
N ASP A 209 -5.00 5.14 6.88
CA ASP A 209 -5.48 6.03 7.93
C ASP A 209 -4.98 7.45 7.72
N SER A 210 -3.70 7.60 7.31
CA SER A 210 -3.13 8.93 7.09
C SER A 210 -3.72 9.59 5.86
N THR A 211 -3.90 8.82 4.80
CA THR A 211 -4.61 9.34 3.64
C THR A 211 -6.02 9.75 4.02
N GLU A 212 -6.69 8.92 4.82
CA GLU A 212 -8.04 9.27 5.29
C GLU A 212 -7.99 10.54 6.12
N ARG A 213 -7.21 10.55 7.20
CA ARG A 213 -7.12 11.71 8.07
C ARG A 213 -6.76 12.97 7.30
N PHE A 214 -6.00 12.83 6.24
CA PHE A 214 -5.56 13.98 5.46
C PHE A 214 -6.74 14.65 4.77
N TYR A 215 -7.60 13.87 4.14
CA TYR A 215 -8.74 14.39 3.40
C TYR A 215 -9.99 14.57 4.24
N ARG A 216 -9.90 14.42 5.56
CA ARG A 216 -11.00 14.85 6.41
C ARG A 216 -10.87 16.29 6.86
N THR A 217 -9.68 16.88 6.72
CA THR A 217 -9.47 18.26 7.12
C THR A 217 -8.88 19.09 5.99
N GLN A 218 -8.72 18.51 4.81
CA GLN A 218 -8.16 19.23 3.68
C GLN A 218 -9.18 19.35 2.55
N ALA A 219 -10.04 18.35 2.45
CA ALA A 219 -11.07 18.32 1.43
C ALA A 219 -12.39 18.94 1.91
N PRO A 220 -12.83 18.79 3.17
CA PRO A 220 -13.98 19.60 3.60
C PRO A 220 -13.71 21.09 3.56
N SER A 221 -12.45 21.51 3.56
CA SER A 221 -12.12 22.93 3.46
C SER A 221 -12.19 23.45 2.04
N TYR A 222 -11.83 22.65 1.03
CA TYR A 222 -12.02 23.08 -0.34
C TYR A 222 -13.49 23.25 -0.69
N LEU A 223 -14.39 22.69 0.11
CA LEU A 223 -15.83 22.90 -0.06
C LEU A 223 -16.33 24.10 0.71
N GLN A 224 -15.64 24.47 1.79
CA GLN A 224 -15.90 25.73 2.44
C GLN A 224 -15.32 26.87 1.64
N GLN A 225 -14.06 26.72 1.22
CA GLN A 225 -13.36 27.74 0.43
C GLN A 225 -14.01 27.93 -0.93
N ASN A 226 -13.85 26.98 -1.81
CA ASN A 226 -14.40 27.07 -3.14
C ASN A 226 -15.75 26.36 -3.19
N GLY A 227 -16.42 26.45 -4.34
CA GLY A 227 -17.78 25.94 -4.47
C GLY A 227 -17.83 24.45 -4.61
N VAL A 228 -18.88 23.97 -5.27
CA VAL A 228 -19.11 22.54 -5.46
C VAL A 228 -18.60 22.07 -6.80
N GLN A 229 -18.95 22.78 -7.86
CA GLN A 229 -18.40 22.48 -9.17
C GLN A 229 -16.89 22.73 -9.18
N ASN A 230 -16.35 23.36 -8.13
CA ASN A 230 -14.91 23.47 -7.98
C ASN A 230 -14.36 22.24 -7.27
N TYR A 231 -15.09 21.76 -6.26
CA TYR A 231 -14.75 20.55 -5.53
C TYR A 231 -14.75 19.33 -6.43
N MET A 232 -15.57 19.34 -7.49
CA MET A 232 -15.58 18.20 -8.38
C MET A 232 -14.32 18.17 -9.23
N LYS A 233 -13.83 19.34 -9.67
CA LYS A 233 -12.50 19.33 -10.27
C LYS A 233 -11.40 18.99 -9.28
N TYR A 234 -11.68 19.03 -7.99
CA TYR A 234 -10.70 18.72 -6.96
C TYR A 234 -10.70 17.24 -6.60
N ALA A 235 -11.85 16.70 -6.20
CA ALA A 235 -11.93 15.27 -5.93
C ALA A 235 -11.45 14.44 -7.10
N ASP A 236 -11.79 14.84 -8.33
CA ASP A 236 -11.23 14.26 -9.54
C ASP A 236 -9.72 14.25 -9.49
N ALA A 237 -9.12 15.45 -9.46
CA ALA A 237 -7.68 15.56 -9.54
C ALA A 237 -6.96 14.90 -8.38
N LYS A 238 -7.66 14.64 -7.28
CA LYS A 238 -7.03 14.01 -6.13
C LYS A 238 -7.19 12.50 -6.12
N LEU A 239 -8.10 11.97 -6.93
CA LEU A 239 -8.08 10.54 -7.21
C LEU A 239 -7.04 10.20 -8.24
N LYS A 240 -6.66 11.15 -9.08
CA LYS A 240 -5.56 10.90 -10.00
C LYS A 240 -4.21 11.08 -9.32
N GLU A 241 -4.10 11.95 -8.31
CA GLU A 241 -2.77 12.10 -7.74
C GLU A 241 -2.52 11.07 -6.65
N GLU A 242 -3.57 10.56 -6.02
CA GLU A 242 -3.40 9.55 -4.99
C GLU A 242 -3.25 8.15 -5.56
N GLU A 243 -3.46 8.01 -6.85
CA GLU A 243 -3.28 6.73 -7.53
C GLU A 243 -1.86 6.55 -8.04
N LYS A 244 -1.32 7.54 -8.76
CA LYS A 244 0.06 7.44 -9.18
C LYS A 244 1.02 7.57 -8.00
N ARG A 245 0.53 8.04 -6.84
CA ARG A 245 1.30 8.00 -5.62
C ARG A 245 1.23 6.65 -4.95
N ALA A 246 0.13 5.93 -5.15
CA ALA A 246 0.05 4.58 -4.62
C ALA A 246 0.79 3.59 -5.50
N LEU A 247 0.90 3.84 -6.80
CA LEU A 247 1.70 3.00 -7.69
C LEU A 247 3.19 3.29 -7.58
N ARG A 248 3.62 3.62 -6.37
CA ARG A 248 5.01 3.89 -6.03
C ARG A 248 5.25 3.38 -4.63
N TYR A 249 4.44 3.88 -3.70
CA TYR A 249 4.59 3.58 -2.29
C TYR A 249 3.91 2.29 -1.88
N LEU A 250 3.00 1.78 -2.67
CA LEU A 250 2.33 0.55 -2.31
C LEU A 250 2.88 -0.60 -3.13
N GLU A 251 2.35 -1.79 -2.89
CA GLU A 251 2.82 -3.02 -3.52
C GLU A 251 2.23 -3.19 -4.91
N THR A 252 3.12 -3.41 -5.88
CA THR A 252 2.74 -3.75 -7.24
C THR A 252 3.38 -5.04 -7.73
N ARG A 253 4.49 -5.47 -7.13
CA ARG A 253 5.18 -6.69 -7.53
C ARG A 253 4.23 -7.88 -7.52
N ARG A 254 3.91 -8.38 -6.33
CA ARG A 254 2.92 -9.44 -6.20
C ARG A 254 1.55 -8.83 -6.04
N GLU A 255 0.56 -9.41 -6.72
CA GLU A 255 -0.76 -8.81 -6.74
C GLU A 255 -1.40 -8.90 -5.38
N CYS A 256 -1.89 -7.77 -4.87
CA CYS A 256 -2.51 -7.82 -3.57
C CYS A 256 -3.76 -6.97 -3.45
N ASN A 257 -4.06 -6.09 -4.42
CA ASN A 257 -5.15 -5.12 -4.27
C ASN A 257 -5.01 -4.31 -3.00
N SER A 258 -3.87 -3.61 -2.95
CA SER A 258 -3.58 -2.57 -1.98
C SER A 258 -3.79 -1.18 -2.57
N VAL A 259 -3.25 -0.92 -3.76
CA VAL A 259 -3.51 0.34 -4.45
C VAL A 259 -4.99 0.54 -4.67
N GLU A 260 -5.72 -0.53 -4.93
CA GLU A 260 -7.16 -0.40 -5.10
C GLU A 260 -7.88 -0.35 -3.76
N ALA A 261 -7.28 -0.86 -2.69
CA ALA A 261 -7.84 -0.64 -1.36
C ALA A 261 -7.66 0.80 -0.90
N LEU A 262 -6.74 1.54 -1.53
CA LEU A 262 -6.58 2.96 -1.21
C LEU A 262 -7.64 3.79 -1.93
N MET A 263 -7.88 3.51 -3.21
CA MET A 263 -8.84 4.33 -3.95
C MET A 263 -10.24 4.16 -3.41
N GLU A 264 -10.55 3.02 -2.80
CA GLU A 264 -11.83 2.85 -2.15
C GLU A 264 -11.92 3.72 -0.91
N CYS A 265 -10.84 3.72 -0.12
CA CYS A 265 -10.69 4.71 0.95
C CYS A 265 -10.84 6.13 0.46
N CYS A 266 -10.27 6.44 -0.71
CA CYS A 266 -10.27 7.82 -1.19
C CYS A 266 -11.62 8.23 -1.74
N VAL A 267 -12.17 7.43 -2.65
CA VAL A 267 -13.52 7.67 -3.13
C VAL A 267 -14.43 7.94 -1.95
N ASN A 268 -14.37 7.06 -0.95
CA ASN A 268 -15.19 7.23 0.25
C ASN A 268 -14.90 8.54 0.95
N ALA A 269 -13.67 9.02 0.89
CA ALA A 269 -13.24 10.23 1.59
C ALA A 269 -13.34 11.48 0.76
N LEU A 270 -13.53 11.36 -0.54
CA LEU A 270 -13.65 12.51 -1.42
C LEU A 270 -15.01 12.63 -2.08
N VAL A 271 -15.51 11.54 -2.65
CA VAL A 271 -16.74 11.54 -3.44
C VAL A 271 -17.91 11.02 -2.64
N THR A 272 -17.76 9.86 -2.01
CA THR A 272 -18.88 9.29 -1.28
C THR A 272 -19.26 10.20 -0.13
N SER A 273 -18.27 10.73 0.59
CA SER A 273 -18.56 11.53 1.77
C SER A 273 -19.17 12.88 1.42
N PHE A 274 -19.39 13.14 0.14
CA PHE A 274 -20.00 14.40 -0.29
C PHE A 274 -20.97 14.17 -1.45
N LYS A 275 -21.54 12.97 -1.54
CA LYS A 275 -22.41 12.65 -2.66
C LYS A 275 -23.65 13.53 -2.69
N GLU A 276 -24.33 13.68 -1.55
CA GLU A 276 -25.56 14.47 -1.52
C GLU A 276 -25.31 15.86 -2.03
N THR A 277 -24.20 16.46 -1.61
CA THR A 277 -23.85 17.81 -2.05
C THR A 277 -23.56 17.85 -3.55
N ILE A 278 -23.05 16.75 -4.12
CA ILE A 278 -22.78 16.72 -5.55
C ILE A 278 -24.05 16.50 -6.33
N LEU A 279 -24.92 15.59 -5.87
CA LEU A 279 -26.15 15.24 -6.56
C LEU A 279 -27.22 16.33 -6.46
N ALA A 280 -27.08 17.27 -5.54
CA ALA A 280 -28.02 18.37 -5.48
C ALA A 280 -27.96 19.25 -6.73
N GLU A 281 -26.77 19.40 -7.32
CA GLU A 281 -26.51 20.24 -8.49
C GLU A 281 -26.82 19.53 -9.80
N CYS A 282 -27.17 18.24 -9.74
CA CYS A 282 -27.52 17.47 -10.92
C CYS A 282 -28.69 18.05 -11.69
N GLN A 283 -29.78 18.38 -11.00
CA GLN A 283 -30.99 18.76 -11.69
C GLN A 283 -30.77 20.00 -12.54
N GLY A 284 -30.06 20.99 -12.00
CA GLY A 284 -29.87 22.23 -12.72
C GLY A 284 -28.88 22.14 -13.86
N MET A 285 -27.86 21.28 -13.73
CA MET A 285 -26.93 21.11 -14.82
C MET A 285 -27.64 20.56 -16.05
N ILE A 286 -28.64 19.70 -15.81
CA ILE A 286 -29.46 19.22 -16.91
C ILE A 286 -30.24 20.39 -17.54
N LYS A 287 -30.88 21.21 -16.71
CA LYS A 287 -31.73 22.29 -17.22
C LYS A 287 -30.92 23.32 -17.99
N ARG A 288 -29.83 23.78 -17.40
CA ARG A 288 -28.86 24.64 -18.05
C ARG A 288 -27.95 23.91 -19.02
N ASN A 289 -28.10 22.61 -19.19
CA ASN A 289 -27.35 21.87 -20.21
C ASN A 289 -25.84 22.04 -20.02
N GLU A 290 -25.38 21.69 -18.82
CA GLU A 290 -23.96 21.72 -18.50
C GLU A 290 -23.46 20.29 -18.64
N THR A 291 -23.02 19.95 -19.86
CA THR A 291 -22.57 18.61 -20.22
C THR A 291 -21.14 18.32 -19.75
N GLU A 292 -20.24 19.29 -19.86
CA GLU A 292 -18.90 19.11 -19.29
C GLU A 292 -18.94 18.86 -17.80
N LYS A 293 -19.96 19.37 -17.10
CA LYS A 293 -20.11 19.20 -15.66
C LYS A 293 -20.85 17.94 -15.27
N LEU A 294 -21.78 17.47 -16.10
CA LEU A 294 -22.48 16.21 -15.84
C LEU A 294 -21.59 15.01 -16.12
N HIS A 295 -20.65 15.17 -17.05
CA HIS A 295 -19.65 14.14 -17.32
C HIS A 295 -18.67 14.02 -16.16
N LEU A 296 -18.35 15.14 -15.51
CA LEU A 296 -17.47 15.13 -14.35
C LEU A 296 -18.15 14.49 -13.17
N MET A 297 -19.43 14.82 -12.94
CA MET A 297 -20.18 14.18 -11.89
C MET A 297 -20.28 12.69 -12.15
N PHE A 298 -20.63 12.32 -13.38
CA PHE A 298 -20.60 10.94 -13.81
C PHE A 298 -19.27 10.28 -13.46
N SER A 299 -18.16 10.94 -13.77
CA SER A 299 -16.85 10.36 -13.47
C SER A 299 -16.72 10.08 -11.98
N LEU A 300 -17.37 10.87 -11.15
CA LEU A 300 -17.21 10.77 -9.71
C LEU A 300 -18.21 9.80 -9.09
N MET A 301 -19.50 9.95 -9.40
CA MET A 301 -20.51 9.07 -8.85
C MET A 301 -20.46 7.65 -9.44
N ASP A 302 -19.66 7.43 -10.47
CA ASP A 302 -19.50 6.10 -11.02
C ASP A 302 -18.50 5.25 -10.26
N LYS A 303 -17.66 5.89 -9.45
CA LYS A 303 -16.84 5.16 -8.49
C LYS A 303 -17.58 4.88 -7.19
N VAL A 304 -18.83 5.33 -7.07
CA VAL A 304 -19.60 5.14 -5.86
C VAL A 304 -20.59 4.01 -6.12
N PRO A 305 -20.89 3.17 -5.13
CA PRO A 305 -21.99 2.20 -5.30
C PRO A 305 -23.31 2.93 -5.39
N ASN A 306 -24.17 2.44 -6.28
CA ASN A 306 -25.47 3.03 -6.59
C ASN A 306 -25.47 4.54 -6.40
N GLY A 307 -24.57 5.22 -7.08
CA GLY A 307 -24.41 6.65 -6.91
C GLY A 307 -25.15 7.44 -7.97
N ILE A 308 -25.38 6.81 -9.14
CA ILE A 308 -26.03 7.48 -10.26
C ILE A 308 -27.52 7.19 -10.32
N GLU A 309 -28.04 6.36 -9.42
CA GLU A 309 -29.48 6.17 -9.31
C GLU A 309 -30.25 7.46 -9.08
N PRO A 310 -29.81 8.36 -8.19
CA PRO A 310 -30.42 9.70 -8.18
C PRO A 310 -30.15 10.49 -9.44
N MET A 311 -28.94 10.39 -10.01
CA MET A 311 -28.64 11.03 -11.28
C MET A 311 -29.61 10.58 -12.35
N LEU A 312 -29.73 9.28 -12.54
CA LEU A 312 -30.70 8.74 -13.48
C LEU A 312 -32.09 9.30 -13.23
N LYS A 313 -32.46 9.40 -11.96
CA LYS A 313 -33.80 9.83 -11.59
C LYS A 313 -34.04 11.30 -11.93
N ASP A 314 -33.00 12.14 -11.83
CA ASP A 314 -33.08 13.56 -12.18
C ASP A 314 -33.21 13.79 -13.69
N LEU A 315 -32.67 12.90 -14.52
CA LEU A 315 -32.90 12.99 -15.96
C LEU A 315 -34.19 12.31 -16.36
N GLU A 316 -34.67 11.38 -15.57
CA GLU A 316 -35.94 10.70 -15.86
C GLU A 316 -37.13 11.55 -15.48
N GLU A 317 -37.06 12.27 -14.37
CA GLU A 317 -38.16 13.16 -14.00
C GLU A 317 -38.19 14.43 -14.83
N HIS A 318 -37.02 15.02 -15.13
CA HIS A 318 -37.00 16.25 -15.91
C HIS A 318 -37.50 16.01 -17.33
N ILE A 319 -36.99 14.96 -17.97
CA ILE A 319 -37.49 14.58 -19.29
C ILE A 319 -39.01 14.51 -19.28
N ILE A 320 -39.60 13.95 -18.23
CA ILE A 320 -41.03 13.78 -18.19
C ILE A 320 -41.71 15.14 -18.08
N SER A 321 -41.45 15.87 -17.00
CA SER A 321 -42.14 17.13 -16.75
C SER A 321 -41.91 18.14 -17.86
N ALA A 322 -40.76 18.09 -18.53
CA ALA A 322 -40.56 18.93 -19.73
C ALA A 322 -41.48 18.48 -20.85
N GLY A 323 -41.47 17.19 -21.16
CA GLY A 323 -42.39 16.62 -22.14
C GLY A 323 -43.78 16.39 -21.60
N LEU A 324 -44.10 17.06 -20.50
CA LEU A 324 -45.44 17.06 -19.95
C LEU A 324 -46.14 18.41 -20.10
N ALA A 325 -45.38 19.50 -20.15
CA ALA A 325 -45.91 20.81 -20.52
C ALA A 325 -45.54 21.22 -21.94
N ASP A 326 -44.34 20.85 -22.41
CA ASP A 326 -43.98 21.08 -23.81
C ASP A 326 -44.78 20.13 -24.70
N MET A 327 -46.09 20.03 -24.45
CA MET A 327 -46.94 19.11 -25.16
C MET A 327 -48.40 19.40 -24.82
N VAL A 328 -48.64 19.98 -23.65
CA VAL A 328 -49.95 20.54 -23.34
C VAL A 328 -50.31 21.67 -24.29
N ALA A 329 -49.33 22.47 -24.72
CA ALA A 329 -49.57 23.49 -25.74
C ALA A 329 -49.78 22.85 -27.12
N ALA A 330 -50.81 22.01 -27.18
CA ALA A 330 -51.14 21.29 -28.41
C ALA A 330 -52.64 21.05 -28.47
N ALA A 331 -53.19 20.42 -27.42
CA ALA A 331 -54.63 20.18 -27.34
C ALA A 331 -55.44 21.48 -27.37
N GLU A 332 -54.82 22.60 -26.99
CA GLU A 332 -55.47 23.89 -27.14
C GLU A 332 -55.07 24.58 -28.44
N THR A 333 -54.23 23.95 -29.26
CA THR A 333 -53.81 24.49 -30.54
C THR A 333 -53.63 23.42 -31.62
N ILE A 334 -52.57 22.62 -31.59
CA ILE A 334 -52.28 21.65 -32.65
C ILE A 334 -52.81 20.30 -32.20
N THR A 335 -54.00 19.93 -32.64
CA THR A 335 -54.50 18.58 -32.41
C THR A 335 -54.76 17.82 -33.70
N THR A 336 -55.05 18.51 -34.80
CA THR A 336 -55.33 17.90 -36.08
C THR A 336 -54.11 17.82 -36.98
N ASP A 337 -52.95 18.27 -36.53
CA ASP A 337 -51.73 18.29 -37.34
C ASP A 337 -50.68 17.42 -36.64
N SER A 338 -50.86 16.10 -36.74
CA SER A 338 -49.86 15.19 -36.16
C SER A 338 -48.50 15.38 -36.83
N GLU A 339 -48.49 15.86 -38.07
CA GLU A 339 -47.25 16.28 -38.69
C GLU A 339 -46.52 17.32 -37.83
N LYS A 340 -47.25 18.15 -37.09
CA LYS A 340 -46.65 18.95 -36.03
C LYS A 340 -46.78 18.32 -34.65
N TYR A 341 -47.83 17.56 -34.38
CA TYR A 341 -48.04 16.96 -33.05
C TYR A 341 -47.10 15.79 -32.77
N ARG A 342 -46.34 15.34 -33.75
CA ARG A 342 -45.34 14.29 -33.55
C ARG A 342 -43.93 14.80 -33.69
N GLU A 343 -43.73 15.87 -34.46
CA GLU A 343 -42.40 16.41 -34.65
C GLU A 343 -41.84 17.04 -33.38
N GLN A 344 -42.67 17.75 -32.58
CA GLN A 344 -42.14 18.34 -31.33
C GLN A 344 -41.51 17.30 -30.46
N LEU A 345 -41.93 16.07 -30.61
CA LEU A 345 -41.36 14.97 -29.89
C LEU A 345 -40.27 14.31 -30.69
N ASP A 346 -40.15 14.64 -31.96
CA ASP A 346 -38.91 14.34 -32.65
C ASP A 346 -37.79 15.28 -32.23
N THR A 347 -38.11 16.54 -31.94
CA THR A 347 -37.14 17.49 -31.40
C THR A 347 -36.97 17.33 -29.89
N LEU A 348 -38.06 17.13 -29.16
CA LEU A 348 -37.98 16.92 -27.71
C LEU A 348 -37.04 15.78 -27.37
N PHE A 349 -37.29 14.59 -27.94
CA PHE A 349 -36.37 13.47 -27.79
C PHE A 349 -34.96 13.86 -28.19
N ASN A 350 -34.84 14.72 -29.18
CA ASN A 350 -33.50 15.11 -29.62
C ASN A 350 -32.83 15.98 -28.58
N ARG A 351 -33.60 16.79 -27.84
CA ARG A 351 -33.00 17.58 -26.78
C ARG A 351 -32.34 16.68 -25.74
N PHE A 352 -32.87 15.48 -25.55
CA PHE A 352 -32.36 14.55 -24.55
C PHE A 352 -31.52 13.43 -25.14
N SER A 353 -31.74 13.06 -26.39
CA SER A 353 -30.88 12.09 -27.04
C SER A 353 -29.54 12.69 -27.42
N LYS A 354 -29.40 14.01 -27.32
CA LYS A 354 -28.14 14.65 -27.61
C LYS A 354 -27.41 15.10 -26.35
N LEU A 355 -28.15 15.33 -25.26
CA LEU A 355 -27.53 15.56 -23.97
C LEU A 355 -26.75 14.36 -23.49
N VAL A 356 -27.18 13.16 -23.86
CA VAL A 356 -26.55 11.95 -23.38
C VAL A 356 -25.25 11.70 -24.11
N LYS A 357 -25.20 11.94 -25.42
CA LYS A 357 -23.93 11.87 -26.14
C LYS A 357 -22.90 12.81 -25.54
N GLU A 358 -23.23 14.09 -25.50
CA GLU A 358 -22.25 15.08 -25.09
C GLU A 358 -21.79 14.83 -23.66
N ALA A 359 -22.68 14.34 -22.80
CA ALA A 359 -22.43 14.25 -21.36
C ALA A 359 -22.08 12.84 -20.90
N PHE A 360 -22.83 11.84 -21.31
CA PHE A 360 -22.60 10.47 -20.85
C PHE A 360 -22.21 9.54 -21.97
N GLN A 361 -21.89 10.08 -23.15
CA GLN A 361 -21.36 9.30 -24.27
C GLN A 361 -22.27 8.14 -24.64
N ASP A 362 -23.57 8.30 -24.41
CA ASP A 362 -24.56 7.26 -24.65
C ASP A 362 -24.30 6.03 -23.75
N ASP A 363 -24.17 6.27 -22.45
CA ASP A 363 -24.03 5.16 -21.53
C ASP A 363 -25.36 4.37 -21.48
N PRO A 364 -25.30 3.04 -21.54
CA PRO A 364 -26.56 2.27 -21.62
C PRO A 364 -27.46 2.41 -20.42
N ARG A 365 -26.95 2.86 -19.27
CA ARG A 365 -27.81 3.03 -18.11
C ARG A 365 -28.65 4.29 -18.21
N PHE A 366 -28.13 5.32 -18.87
CA PHE A 366 -28.89 6.54 -19.06
C PHE A 366 -29.83 6.46 -20.25
N LEU A 367 -29.61 5.52 -21.17
CA LEU A 367 -30.58 5.31 -22.25
C LEU A 367 -31.79 4.58 -21.72
N THR A 368 -31.61 3.73 -20.72
CA THR A 368 -32.73 3.03 -20.12
C THR A 368 -33.70 3.99 -19.45
N ALA A 369 -33.18 5.00 -18.77
CA ALA A 369 -34.02 6.03 -18.19
C ALA A 369 -34.44 7.09 -19.19
N ARG A 370 -33.63 7.33 -20.24
CA ARG A 370 -34.09 8.16 -21.37
C ARG A 370 -35.32 7.55 -22.01
N ASP A 371 -35.43 6.23 -21.95
CA ASP A 371 -36.53 5.51 -22.55
C ASP A 371 -37.61 5.20 -21.55
N LYS A 372 -37.22 4.91 -20.31
CA LYS A 372 -38.17 4.72 -19.23
C LYS A 372 -39.00 5.96 -18.99
N ALA A 373 -38.48 7.14 -19.33
CA ALA A 373 -39.21 8.39 -19.20
C ALA A 373 -39.90 8.81 -20.48
N TYR A 374 -39.53 8.25 -21.63
CA TYR A 374 -40.10 8.72 -22.87
C TYR A 374 -41.33 7.91 -23.24
N LYS A 375 -41.42 6.70 -22.70
CA LYS A 375 -42.61 5.86 -22.70
C LYS A 375 -43.75 6.48 -21.91
N ALA A 376 -43.45 7.31 -20.92
CA ALA A 376 -44.44 8.07 -20.19
C ALA A 376 -44.99 9.27 -20.97
N VAL A 377 -44.29 9.72 -22.01
CA VAL A 377 -44.79 10.79 -22.87
C VAL A 377 -45.64 10.19 -24.01
N VAL A 378 -46.14 8.98 -23.80
CA VAL A 378 -46.82 8.16 -24.80
C VAL A 378 -48.07 7.55 -24.19
N PRO B 3 38.42 -32.33 8.36
CA PRO B 3 38.57 -33.41 7.40
C PRO B 3 37.94 -33.05 6.07
N ALA B 4 36.71 -33.48 5.85
CA ALA B 4 35.90 -33.00 4.74
C ALA B 4 35.15 -31.72 5.09
N TRP B 5 35.04 -31.39 6.36
CA TRP B 5 34.43 -30.14 6.77
C TRP B 5 35.23 -28.93 6.31
N TYR B 6 36.52 -29.12 6.03
CA TYR B 6 37.31 -28.05 5.42
C TYR B 6 36.76 -27.70 4.04
N ASP B 7 36.24 -28.68 3.32
CA ASP B 7 35.67 -28.43 2.00
C ASP B 7 34.28 -27.83 2.07
N CYS B 8 33.50 -28.19 3.08
CA CYS B 8 32.21 -27.54 3.26
C CYS B 8 32.37 -26.11 3.73
N ALA B 9 33.45 -25.82 4.45
CA ALA B 9 33.78 -24.43 4.76
C ALA B 9 34.33 -23.73 3.53
N ASP B 10 35.21 -24.42 2.80
CA ASP B 10 35.71 -23.88 1.54
C ASP B 10 34.62 -23.74 0.51
N ALA B 11 33.59 -24.58 0.56
CA ALA B 11 32.47 -24.40 -0.34
C ALA B 11 31.63 -23.20 0.04
N ALA B 12 31.47 -22.96 1.33
CA ALA B 12 30.63 -21.85 1.77
C ALA B 12 31.33 -20.52 1.60
N TRP B 13 32.66 -20.49 1.71
CA TRP B 13 33.40 -19.25 1.51
C TRP B 13 33.24 -18.75 0.07
N ILE B 14 33.15 -19.66 -0.89
CA ILE B 14 33.17 -19.25 -2.29
C ILE B 14 31.82 -18.66 -2.68
N CYS B 15 30.74 -19.43 -2.47
CA CYS B 15 29.39 -19.02 -2.87
C CYS B 15 28.89 -17.81 -2.11
N THR B 16 29.52 -17.47 -0.99
CA THR B 16 29.12 -16.33 -0.21
C THR B 16 29.95 -15.11 -0.56
N PHE B 17 31.20 -15.33 -0.97
CA PHE B 17 32.12 -14.25 -1.28
C PHE B 17 32.77 -14.45 -2.65
CA WHL C . 28.31 -26.07 0.29
CB WHL C . 27.97 -25.10 -0.64
NB WHL C . 26.73 -23.05 -1.26
OB WHL C . 29.05 -28.67 1.22
CG WHL C . 28.72 -28.34 2.31
CD WHL C . 26.53 -24.08 0.97
CE WHL C . 26.86 -25.05 1.90
CH WHL C . 28.98 -29.26 3.49
CC WHL C . 27.09 -24.08 -0.29
CF WHL C . 27.75 -26.06 1.55
CJ WHL C . 26.65 -21.65 -0.90
CK WHL C . 26.28 -20.62 -1.96
NA WHL C . 28.07 -27.05 2.56
OA WHL C . 26.86 -21.28 0.20
#